data_5Z5D
#
_entry.id   5Z5D
#
_cell.length_a   62.076
_cell.length_b   62.076
_cell.length_c   275.789
_cell.angle_alpha   90.000
_cell.angle_beta   90.000
_cell.angle_gamma   90.000
#
_symmetry.space_group_name_H-M   'P 43 21 2'
#
loop_
_entity.id
_entity.type
_entity.pdbx_description
1 polymer Beta-xylosidase
2 non-polymer 'CALCIUM ION'
3 non-polymer GLYCEROL
4 water water
#
_entity_poly.entity_id   1
_entity_poly.type   'polypeptide(L)'
_entity_poly.pdbx_seq_one_letter_code
;MEYSNPVIKGFYPDPSICRVGSDYYLVTSSFQYFPGVPIFHSTNLINWNKIGYCLIRPSQLMLNNATNRSGIFAPTLRYH
EGIFYLITTNVTLKKNFIVMSEDLQGEWSEPIWIDGWGGIDPSLFFDNDGKVYITGTNDNARGEELGIYQAEIDLKKGSI
IGERKLIWKGTGGSYPEAPHLYKVNGWYYLLIAEGGTEYGHMVTVARSKYPFGPFESCPFNPILTHRSTNHPLQAIGHAD
IVQYHDGSWWAVFHGTRPISYPPKHHLGRETCLAPIKWTDDGWPIIGYNGRIDIKMDAGYLPVKEKNIGDEIIEDDFNSD
IFSTDWNFIQNPRLEHYSLKGRPSWLKMRGTEKTLNDINSPTFIGRRQEHFVCNVSTLLEFKPNQDNEEAGLTVYMNEKH
HYEIALTKKNGRINVVLKKTVGDIQVVVNSLEYFSNTIIFSIQANPEEYKFSFVDPNTGQTYLLGTGLTTLLSTEVAGGF
TGVYFGLYATGNGKVCTAPAFFDWFKYIPEIKGELNSKLEGKPIPNPLLGLDSTRTGHHHHHH
;
_entity_poly.pdbx_strand_id   A
#
loop_
_chem_comp.id
_chem_comp.type
_chem_comp.name
_chem_comp.formula
CA non-polymer 'CALCIUM ION' 'Ca 2'
GOL non-polymer GLYCEROL 'C3 H8 O3'
#
# COMPACT_ATOMS: atom_id res chain seq x y z
N MET A 1 -1.98 2.69 -29.42
CA MET A 1 -2.74 2.92 -28.17
C MET A 1 -1.72 3.21 -27.07
N GLU A 2 -2.17 3.98 -26.09
CA GLU A 2 -1.35 4.37 -24.96
C GLU A 2 -2.04 4.06 -23.65
N TYR A 3 -1.26 4.02 -22.57
CA TYR A 3 -1.78 4.01 -21.22
C TYR A 3 -0.90 4.96 -20.40
N SER A 4 -1.38 5.29 -19.22
CA SER A 4 -0.66 6.17 -18.30
CA SER A 4 -0.64 6.17 -18.32
C SER A 4 -0.12 5.41 -17.10
N ASN A 5 1.11 5.74 -16.68
CA ASN A 5 1.63 5.31 -15.40
C ASN A 5 1.37 6.43 -14.39
N PRO A 6 1.08 6.10 -13.15
CA PRO A 6 0.91 4.74 -12.64
C PRO A 6 -0.41 4.12 -13.13
N VAL A 7 -0.41 2.82 -13.29
CA VAL A 7 -1.62 2.06 -13.59
C VAL A 7 -2.50 1.79 -12.39
N ILE A 8 -1.91 1.73 -11.18
CA ILE A 8 -2.66 1.72 -9.93
C ILE A 8 -2.14 2.88 -9.06
N LYS A 9 -2.94 3.93 -8.98
CA LYS A 9 -2.53 5.14 -8.31
C LYS A 9 -2.71 5.08 -6.80
N GLY A 10 -1.87 5.83 -6.10
CA GLY A 10 -1.91 5.87 -4.64
C GLY A 10 -1.10 4.72 -4.04
N PHE A 11 -1.25 4.50 -2.75
CA PHE A 11 -0.39 3.61 -1.96
C PHE A 11 -0.58 2.11 -2.30
N TYR A 12 0.22 1.66 -3.27
CA TYR A 12 0.14 0.31 -3.83
C TYR A 12 1.53 -0.15 -4.20
N PRO A 13 2.36 -0.39 -3.16
CA PRO A 13 3.76 -0.73 -3.44
C PRO A 13 4.05 -2.21 -3.62
N ASP A 14 5.26 -2.49 -4.10
CA ASP A 14 5.78 -3.86 -4.15
C ASP A 14 4.83 -4.80 -4.91
N PRO A 15 4.42 -4.41 -6.13
CA PRO A 15 3.44 -5.23 -6.85
C PRO A 15 4.03 -6.57 -7.24
N SER A 16 3.28 -7.64 -6.99
CA SER A 16 3.57 -8.96 -7.51
C SER A 16 2.37 -9.40 -8.35
N ILE A 17 2.67 -10.01 -9.49
CA ILE A 17 1.69 -10.37 -10.50
C ILE A 17 1.69 -11.88 -10.78
N CYS A 18 0.53 -12.40 -11.13
CA CYS A 18 0.35 -13.82 -11.41
C CYS A 18 -0.73 -13.98 -12.47
N ARG A 19 -0.36 -14.61 -13.58
CA ARG A 19 -1.29 -14.96 -14.64
C ARG A 19 -1.97 -16.32 -14.42
N VAL A 20 -3.28 -16.38 -14.61
CA VAL A 20 -4.03 -17.64 -14.69
C VAL A 20 -4.87 -17.53 -15.95
N GLY A 21 -4.40 -18.15 -17.03
CA GLY A 21 -5.12 -18.14 -18.32
C GLY A 21 -5.09 -16.75 -18.93
N SER A 22 -6.25 -16.15 -19.14
CA SER A 22 -6.33 -14.77 -19.66
CA SER A 22 -6.34 -14.78 -19.66
C SER A 22 -6.72 -13.80 -18.55
N ASP A 23 -6.61 -14.24 -17.30
CA ASP A 23 -6.80 -13.38 -16.11
C ASP A 23 -5.45 -13.12 -15.41
N TYR A 24 -5.35 -11.93 -14.83
CA TYR A 24 -4.15 -11.45 -14.14
C TYR A 24 -4.52 -10.94 -12.76
N TYR A 25 -3.71 -11.30 -11.76
CA TYR A 25 -3.93 -10.93 -10.38
C TYR A 25 -2.67 -10.26 -9.86
N LEU A 26 -2.85 -9.26 -9.02
CA LEU A 26 -1.73 -8.48 -8.50
C LEU A 26 -2.00 -8.11 -7.04
N VAL A 27 -0.93 -8.15 -6.25
CA VAL A 27 -0.96 -7.87 -4.84
C VAL A 27 0.09 -6.81 -4.49
N THR A 28 -0.19 -6.08 -3.41
CA THR A 28 0.68 -5.01 -2.93
C THR A 28 0.85 -5.08 -1.43
N SER A 29 1.91 -4.44 -0.95
CA SER A 29 2.17 -4.34 0.47
C SER A 29 1.26 -3.34 1.21
N SER A 30 0.98 -3.63 2.49
CA SER A 30 0.02 -2.83 3.25
C SER A 30 0.47 -2.36 4.62
N PHE A 31 1.65 -2.79 5.08
CA PHE A 31 2.23 -2.29 6.31
C PHE A 31 1.28 -2.46 7.49
N GLN A 32 0.90 -1.37 8.18
CA GLN A 32 0.07 -1.48 9.37
C GLN A 32 -1.42 -1.45 9.12
N TYR A 33 -1.86 -1.40 7.86
CA TYR A 33 -3.26 -1.25 7.54
C TYR A 33 -3.97 -2.58 7.46
N PHE A 34 -5.23 -2.55 7.88
CA PHE A 34 -6.08 -3.74 7.96
C PHE A 34 -7.36 -3.45 7.17
N PRO A 35 -7.83 -4.37 6.33
CA PRO A 35 -7.17 -5.64 6.00
C PRO A 35 -5.90 -5.48 5.19
N GLY A 36 -5.17 -6.58 5.08
CA GLY A 36 -3.85 -6.55 4.47
C GLY A 36 -3.78 -7.18 3.10
N VAL A 37 -2.82 -6.72 2.31
CA VAL A 37 -2.50 -7.25 1.01
C VAL A 37 -3.68 -7.16 0.05
N PRO A 38 -3.94 -5.94 -0.44
CA PRO A 38 -4.94 -5.81 -1.51
C PRO A 38 -4.61 -6.70 -2.69
N ILE A 39 -5.66 -7.23 -3.31
CA ILE A 39 -5.52 -8.05 -4.49
C ILE A 39 -6.44 -7.50 -5.58
N PHE A 40 -5.86 -7.37 -6.78
CA PHE A 40 -6.51 -6.79 -7.93
C PHE A 40 -6.59 -7.81 -9.05
N HIS A 41 -7.54 -7.59 -9.95
CA HIS A 41 -7.71 -8.42 -11.13
C HIS A 41 -7.69 -7.52 -12.36
N SER A 42 -7.05 -8.01 -13.41
CA SER A 42 -7.09 -7.36 -14.72
C SER A 42 -7.14 -8.41 -15.85
N THR A 43 -7.67 -7.99 -17.01
CA THR A 43 -7.51 -8.75 -18.25
C THR A 43 -6.57 -8.10 -19.26
N ASN A 44 -6.06 -6.89 -18.95
CA ASN A 44 -5.21 -6.18 -19.90
C ASN A 44 -3.94 -5.52 -19.31
N LEU A 45 -3.64 -5.78 -18.03
CA LEU A 45 -2.44 -5.28 -17.32
C LEU A 45 -2.48 -3.81 -17.01
N ILE A 46 -3.42 -3.05 -17.61
CA ILE A 46 -3.49 -1.62 -17.46
C ILE A 46 -4.56 -1.27 -16.48
N ASN A 47 -5.74 -1.87 -16.63
CA ASN A 47 -6.89 -1.55 -15.80
C ASN A 47 -7.07 -2.63 -14.75
N TRP A 48 -7.00 -2.25 -13.47
CA TRP A 48 -7.06 -3.17 -12.36
C TRP A 48 -8.27 -2.86 -11.51
N ASN A 49 -9.03 -3.91 -11.15
CA ASN A 49 -10.14 -3.82 -10.21
CA ASN A 49 -10.12 -3.80 -10.21
C ASN A 49 -9.77 -4.51 -8.92
N LYS A 50 -9.92 -3.81 -7.79
CA LYS A 50 -9.62 -4.40 -6.52
C LYS A 50 -10.72 -5.41 -6.21
N ILE A 51 -10.31 -6.64 -5.99
CA ILE A 51 -11.29 -7.68 -5.67
C ILE A 51 -11.38 -7.99 -4.18
N GLY A 52 -10.49 -7.43 -3.39
CA GLY A 52 -10.53 -7.59 -1.96
C GLY A 52 -9.12 -7.56 -1.41
N TYR A 53 -8.92 -8.31 -0.34
CA TYR A 53 -7.65 -8.39 0.42
C TYR A 53 -7.36 -9.84 0.74
N CYS A 54 -6.09 -10.17 0.89
CA CYS A 54 -5.70 -11.55 1.17
C CYS A 54 -5.69 -11.88 2.66
N LEU A 55 -5.45 -10.88 3.51
CA LEU A 55 -5.31 -11.11 4.96
C LEU A 55 -6.41 -10.34 5.66
N ILE A 56 -7.45 -11.06 6.06
CA ILE A 56 -8.65 -10.42 6.62
C ILE A 56 -9.06 -10.86 8.02
N ARG A 57 -8.36 -11.83 8.59
CA ARG A 57 -8.69 -12.41 9.89
C ARG A 57 -7.50 -12.17 10.80
N PRO A 58 -7.75 -11.94 12.11
CA PRO A 58 -6.67 -11.77 13.10
C PRO A 58 -5.60 -12.86 13.09
N SER A 59 -6.01 -14.10 12.83
CA SER A 59 -5.06 -15.24 12.73
C SER A 59 -4.08 -15.12 11.56
N GLN A 60 -4.47 -14.38 10.52
CA GLN A 60 -3.59 -14.13 9.36
C GLN A 60 -2.76 -12.85 9.47
N LEU A 61 -3.20 -11.94 10.32
CA LEU A 61 -2.73 -10.57 10.31
C LEU A 61 -2.69 -10.03 11.72
N MET A 62 -1.55 -10.16 12.38
CA MET A 62 -1.35 -9.70 13.74
C MET A 62 -0.59 -8.39 13.71
N LEU A 63 -1.31 -7.28 13.81
CA LEU A 63 -0.74 -5.95 13.68
C LEU A 63 -0.63 -5.18 14.97
N ASN A 64 -0.82 -5.81 16.13
CA ASN A 64 -0.49 -5.11 17.35
C ASN A 64 0.97 -4.64 17.32
N ASN A 65 1.18 -3.39 17.75
CA ASN A 65 2.48 -2.70 17.70
C ASN A 65 3.00 -2.36 16.31
N ALA A 66 2.24 -2.65 15.27
CA ALA A 66 2.69 -2.29 13.88
C ALA A 66 2.52 -0.82 13.64
N THR A 67 3.43 -0.29 12.83
CA THR A 67 3.40 1.12 12.43
C THR A 67 3.61 1.20 10.93
N ASN A 68 3.62 2.41 10.37
CA ASN A 68 3.92 2.59 8.94
C ASN A 68 5.40 2.30 8.58
N ARG A 69 6.20 1.92 9.58
CA ARG A 69 7.56 1.38 9.39
C ARG A 69 7.59 -0.16 9.44
N SER A 70 6.47 -0.82 9.74
CA SER A 70 6.46 -2.23 10.01
C SER A 70 5.20 -2.94 9.45
N GLY A 71 4.70 -3.98 10.12
CA GLY A 71 3.57 -4.72 9.62
C GLY A 71 3.94 -5.53 8.38
N ILE A 72 3.03 -5.60 7.40
CA ILE A 72 3.20 -6.44 6.21
C ILE A 72 4.05 -5.79 5.12
N PHE A 73 5.17 -6.42 4.81
CA PHE A 73 6.07 -5.91 3.76
C PHE A 73 5.72 -6.56 2.39
N ALA A 74 6.64 -6.59 1.44
CA ALA A 74 6.28 -7.06 0.08
C ALA A 74 5.66 -8.46 0.06
N PRO A 75 4.53 -8.59 -0.65
CA PRO A 75 3.96 -9.91 -0.88
C PRO A 75 4.32 -10.42 -2.27
N THR A 76 4.36 -11.75 -2.42
CA THR A 76 4.47 -12.35 -3.73
C THR A 76 3.32 -13.34 -3.93
N LEU A 77 2.71 -13.27 -5.09
CA LEU A 77 1.58 -14.10 -5.44
C LEU A 77 1.98 -15.05 -6.56
N ARG A 78 1.74 -16.35 -6.36
CA ARG A 78 2.02 -17.37 -7.35
C ARG A 78 0.87 -18.36 -7.43
N TYR A 79 0.80 -19.08 -8.55
CA TYR A 79 -0.31 -20.02 -8.82
C TYR A 79 0.32 -21.30 -9.35
N HIS A 80 -0.11 -22.44 -8.82
CA HIS A 80 0.35 -23.73 -9.27
C HIS A 80 -0.79 -24.72 -9.10
N GLU A 81 -1.20 -25.33 -10.21
CA GLU A 81 -2.11 -26.47 -10.18
C GLU A 81 -3.35 -26.15 -9.38
N GLY A 82 -3.96 -25.02 -9.71
CA GLY A 82 -5.21 -24.59 -9.12
C GLY A 82 -5.17 -23.93 -7.76
N ILE A 83 -3.99 -23.78 -7.17
CA ILE A 83 -3.84 -23.16 -5.87
C ILE A 83 -3.01 -21.89 -5.99
N PHE A 84 -3.50 -20.82 -5.39
CA PHE A 84 -2.75 -19.57 -5.25
C PHE A 84 -2.02 -19.57 -3.94
N TYR A 85 -0.78 -19.08 -3.97
CA TYR A 85 0.08 -18.98 -2.80
C TYR A 85 0.46 -17.52 -2.64
N LEU A 86 0.17 -16.94 -1.47
CA LEU A 86 0.57 -15.58 -1.15
C LEU A 86 1.60 -15.71 -0.05
N ILE A 87 2.82 -15.24 -0.30
CA ILE A 87 3.92 -15.38 0.66
C ILE A 87 4.38 -13.97 1.00
N THR A 88 4.59 -13.71 2.29
CA THR A 88 4.95 -12.34 2.73
C THR A 88 5.58 -12.38 4.10
N THR A 89 5.97 -11.20 4.57
CA THR A 89 6.62 -11.05 5.86
C THR A 89 5.79 -10.13 6.73
N ASN A 90 5.53 -10.56 7.95
CA ASN A 90 5.06 -9.64 8.97
C ASN A 90 6.35 -9.22 9.72
N VAL A 91 6.80 -8.02 9.40
CA VAL A 91 8.05 -7.50 9.95
C VAL A 91 7.89 -7.17 11.43
N THR A 92 6.68 -6.87 11.90
CA THR A 92 6.48 -6.66 13.32
C THR A 92 6.80 -7.96 14.11
N LEU A 93 6.44 -9.11 13.55
CA LEU A 93 6.73 -10.42 14.14
C LEU A 93 8.08 -11.00 13.71
N LYS A 94 8.69 -10.42 12.68
CA LYS A 94 9.89 -10.95 12.05
C LYS A 94 9.67 -12.38 11.57
N LYS A 95 8.57 -12.61 10.88
CA LYS A 95 8.19 -13.95 10.44
C LYS A 95 7.64 -13.94 9.03
N ASN A 96 8.05 -14.93 8.26
CA ASN A 96 7.55 -15.16 6.92
C ASN A 96 6.50 -16.24 6.92
N PHE A 97 5.47 -16.06 6.10
CA PHE A 97 4.39 -17.03 6.04
C PHE A 97 3.71 -17.04 4.68
N ILE A 98 2.89 -18.08 4.50
CA ILE A 98 2.15 -18.30 3.27
C ILE A 98 0.69 -18.45 3.63
N VAL A 99 -0.18 -17.87 2.82
CA VAL A 99 -1.61 -18.27 2.82
C VAL A 99 -1.97 -18.75 1.42
N MET A 100 -2.99 -19.60 1.34
CA MET A 100 -3.38 -20.28 0.12
CA MET A 100 -3.38 -20.25 0.10
C MET A 100 -4.87 -20.09 -0.17
N SER A 101 -5.23 -20.20 -1.43
CA SER A 101 -6.63 -20.15 -1.84
C SER A 101 -6.81 -20.92 -3.12
N GLU A 102 -7.93 -21.61 -3.23
CA GLU A 102 -8.37 -22.18 -4.53
C GLU A 102 -9.55 -21.42 -5.10
N ASP A 103 -9.99 -20.38 -4.40
CA ASP A 103 -11.17 -19.60 -4.79
C ASP A 103 -10.98 -18.15 -4.33
N LEU A 104 -10.72 -17.26 -5.27
CA LEU A 104 -10.43 -15.85 -4.92
C LEU A 104 -11.65 -15.05 -4.45
N GLN A 105 -12.87 -15.57 -4.62
CA GLN A 105 -14.03 -14.92 -4.04
C GLN A 105 -14.27 -15.34 -2.61
N GLY A 106 -13.51 -16.34 -2.12
CA GLY A 106 -13.55 -16.76 -0.74
C GLY A 106 -12.32 -16.25 -0.02
N GLU A 107 -12.21 -16.59 1.25
CA GLU A 107 -11.10 -16.16 2.07
C GLU A 107 -9.94 -17.09 1.87
N TRP A 108 -8.76 -16.63 2.26
CA TRP A 108 -7.57 -17.42 2.14
C TRP A 108 -7.40 -18.28 3.39
N SER A 109 -6.47 -19.22 3.30
CA SER A 109 -6.21 -20.17 4.39
C SER A 109 -5.63 -19.52 5.62
N GLU A 110 -5.58 -20.31 6.70
CA GLU A 110 -4.75 -19.94 7.84
C GLU A 110 -3.26 -19.92 7.36
N PRO A 111 -2.43 -19.12 8.03
CA PRO A 111 -1.03 -19.07 7.60
C PRO A 111 -0.26 -20.34 7.91
N ILE A 112 0.69 -20.64 7.01
CA ILE A 112 1.72 -21.61 7.22
C ILE A 112 2.97 -20.78 7.50
N TRP A 113 3.49 -20.87 8.72
CA TRP A 113 4.65 -20.11 9.17
C TRP A 113 5.91 -20.83 8.75
N ILE A 114 6.80 -20.15 8.06
CA ILE A 114 8.00 -20.78 7.54
C ILE A 114 9.09 -20.59 8.59
N ASP A 115 9.26 -21.59 9.45
CA ASP A 115 10.31 -21.53 10.47
C ASP A 115 11.70 -21.46 9.88
N GLY A 116 12.55 -20.62 10.48
CA GLY A 116 13.95 -20.49 10.05
C GLY A 116 14.10 -19.99 8.61
N TRP A 117 13.18 -19.11 8.21
CA TRP A 117 13.34 -18.40 6.96
C TRP A 117 13.18 -16.92 7.29
N GLY A 118 14.30 -16.22 7.34
CA GLY A 118 14.35 -14.85 7.73
C GLY A 118 14.34 -13.92 6.55
N GLY A 119 14.61 -12.66 6.85
CA GLY A 119 14.64 -11.64 5.84
C GLY A 119 13.26 -11.20 5.40
N ILE A 120 13.26 -10.42 4.34
CA ILE A 120 12.01 -9.91 3.75
C ILE A 120 11.90 -10.38 2.31
N ASP A 121 10.84 -9.96 1.64
CA ASP A 121 10.62 -10.20 0.22
C ASP A 121 10.72 -11.67 -0.19
N PRO A 122 10.05 -12.57 0.57
CA PRO A 122 10.01 -13.97 0.17
C PRO A 122 9.27 -14.14 -1.15
N SER A 123 9.74 -15.05 -1.97
CA SER A 123 9.15 -15.34 -3.28
C SER A 123 9.19 -16.83 -3.53
N LEU A 124 8.27 -17.30 -4.40
CA LEU A 124 8.19 -18.70 -4.76
C LEU A 124 8.33 -18.90 -6.24
N PHE A 125 8.94 -20.01 -6.62
CA PHE A 125 9.10 -20.41 -8.00
C PHE A 125 8.89 -21.92 -8.08
N PHE A 126 7.98 -22.31 -8.97
CA PHE A 126 7.66 -23.72 -9.23
C PHE A 126 8.39 -24.22 -10.49
N ASP A 127 9.35 -25.10 -10.30
CA ASP A 127 10.18 -25.58 -11.39
C ASP A 127 9.50 -26.81 -12.05
N ASN A 128 9.95 -27.11 -13.27
CA ASN A 128 9.37 -28.19 -14.07
C ASN A 128 9.68 -29.59 -13.57
N ASP A 129 10.66 -29.69 -12.67
CA ASP A 129 11.01 -30.98 -12.03
C ASP A 129 10.25 -31.24 -10.76
N GLY A 130 9.25 -30.41 -10.46
CA GLY A 130 8.46 -30.57 -9.26
C GLY A 130 9.02 -29.89 -8.01
N LYS A 131 10.22 -29.31 -8.12
CA LYS A 131 10.81 -28.63 -7.00
C LYS A 131 10.25 -27.23 -6.89
N VAL A 132 10.18 -26.73 -5.67
CA VAL A 132 9.68 -25.38 -5.41
C VAL A 132 10.80 -24.68 -4.67
N TYR A 133 11.06 -23.45 -5.05
CA TYR A 133 12.15 -22.68 -4.44
C TYR A 133 11.60 -21.47 -3.74
N ILE A 134 12.09 -21.23 -2.55
CA ILE A 134 11.81 -19.98 -1.83
C ILE A 134 13.05 -19.12 -1.93
N THR A 135 12.85 -17.84 -2.20
CA THR A 135 13.96 -16.91 -2.41
C THR A 135 13.64 -15.64 -1.61
N GLY A 136 14.65 -15.03 -0.98
CA GLY A 136 14.45 -13.86 -0.12
C GLY A 136 15.76 -13.14 0.17
N THR A 137 15.68 -12.18 1.07
CA THR A 137 16.87 -11.36 1.41
C THR A 137 17.67 -12.01 2.54
N ASN A 138 18.87 -11.47 2.75
CA ASN A 138 19.62 -11.72 3.98
C ASN A 138 18.81 -11.45 5.23
N ASP A 139 19.14 -12.20 6.29
CA ASP A 139 18.54 -12.08 7.57
C ASP A 139 19.51 -11.32 8.48
N ASN A 140 19.19 -10.06 8.76
CA ASN A 140 20.04 -9.24 9.66
C ASN A 140 20.20 -9.79 11.07
N ALA A 141 19.22 -10.53 11.57
CA ALA A 141 19.32 -11.12 12.90
C ALA A 141 20.45 -12.13 12.99
N ARG A 142 20.79 -12.75 11.87
CA ARG A 142 21.83 -13.78 11.79
C ARG A 142 23.16 -13.23 11.25
N GLY A 143 23.26 -11.92 11.02
CA GLY A 143 24.49 -11.32 10.48
C GLY A 143 24.93 -11.91 9.14
N GLU A 144 23.96 -12.25 8.30
CA GLU A 144 24.24 -12.77 6.97
C GLU A 144 24.83 -11.72 6.06
N GLU A 145 25.67 -12.18 5.14
CA GLU A 145 26.16 -11.34 4.10
C GLU A 145 24.99 -10.84 3.26
N LEU A 146 24.99 -9.55 2.96
CA LEU A 146 23.95 -8.91 2.14
C LEU A 146 23.81 -9.61 0.81
N GLY A 147 22.58 -9.96 0.47
CA GLY A 147 22.31 -10.59 -0.80
C GLY A 147 21.03 -11.38 -0.81
N ILE A 148 20.90 -12.21 -1.84
CA ILE A 148 19.71 -12.98 -2.14
C ILE A 148 19.98 -14.43 -1.73
N TYR A 149 19.07 -14.99 -0.95
CA TYR A 149 19.19 -16.35 -0.41
C TYR A 149 18.05 -17.21 -0.96
N GLN A 150 18.33 -18.50 -1.09
CA GLN A 150 17.36 -19.41 -1.67
C GLN A 150 17.49 -20.78 -1.06
N ALA A 151 16.37 -21.48 -1.00
CA ALA A 151 16.35 -22.91 -0.66
C ALA A 151 15.18 -23.58 -1.35
N GLU A 152 15.23 -24.90 -1.44
CA GLU A 152 14.04 -25.65 -1.74
C GLU A 152 13.06 -25.61 -0.55
N ILE A 153 11.78 -25.66 -0.85
CA ILE A 153 10.74 -25.59 0.17
C ILE A 153 9.69 -26.69 -0.02
N ASP A 154 9.24 -27.23 1.09
CA ASP A 154 8.11 -28.15 1.13
C ASP A 154 6.89 -27.36 1.54
N LEU A 155 5.99 -27.10 0.60
CA LEU A 155 4.90 -26.12 0.83
C LEU A 155 3.84 -26.56 1.82
N LYS A 156 3.58 -27.86 1.88
CA LYS A 156 2.68 -28.44 2.88
C LYS A 156 3.17 -28.24 4.32
N LYS A 157 4.43 -28.58 4.52
CA LYS A 157 5.05 -28.54 5.84
C LYS A 157 5.39 -27.11 6.30
N GLY A 158 5.55 -26.18 5.35
CA GLY A 158 6.12 -24.89 5.67
C GLY A 158 7.56 -25.03 6.13
N SER A 159 8.29 -25.95 5.51
CA SER A 159 9.67 -26.17 5.90
C SER A 159 10.61 -26.17 4.72
N ILE A 160 11.81 -25.70 5.01
CA ILE A 160 12.91 -25.63 4.09
C ILE A 160 13.49 -27.01 3.90
N ILE A 161 13.83 -27.35 2.66
CA ILE A 161 14.55 -28.59 2.37
C ILE A 161 15.98 -28.23 2.06
N GLY A 162 16.88 -28.86 2.80
CA GLY A 162 18.30 -28.68 2.58
C GLY A 162 18.73 -27.32 3.07
N GLU A 163 19.69 -26.73 2.33
CA GLU A 163 20.43 -25.60 2.86
C GLU A 163 20.00 -24.27 2.25
N ARG A 164 20.01 -23.26 3.10
CA ARG A 164 19.73 -21.84 2.72
C ARG A 164 21.03 -21.29 2.13
N LYS A 165 21.00 -20.87 0.89
CA LYS A 165 22.22 -20.58 0.13
C LYS A 165 22.16 -19.16 -0.40
N LEU A 166 23.25 -18.43 -0.25
CA LEU A 166 23.41 -17.17 -0.95
C LEU A 166 23.65 -17.45 -2.41
N ILE A 167 22.77 -16.94 -3.26
CA ILE A 167 22.86 -17.18 -4.69
C ILE A 167 23.36 -15.99 -5.51
N TRP A 168 23.16 -14.77 -5.03
CA TRP A 168 23.66 -13.59 -5.73
C TRP A 168 23.73 -12.41 -4.77
N LYS A 169 24.82 -11.65 -4.86
CA LYS A 169 24.96 -10.43 -4.03
C LYS A 169 24.41 -9.18 -4.68
N GLY A 170 24.01 -9.31 -5.93
CA GLY A 170 23.58 -8.22 -6.76
C GLY A 170 24.78 -7.54 -7.37
N THR A 171 24.53 -6.39 -7.99
CA THR A 171 25.58 -5.61 -8.66
C THR A 171 26.43 -4.71 -7.78
N GLY A 172 26.07 -4.57 -6.51
CA GLY A 172 26.78 -3.73 -5.58
C GLY A 172 25.94 -2.57 -5.04
N GLY A 173 24.69 -2.44 -5.49
CA GLY A 173 23.76 -1.53 -4.83
C GLY A 173 23.42 -2.01 -3.42
N SER A 174 22.96 -1.07 -2.60
CA SER A 174 22.49 -1.40 -1.27
C SER A 174 21.22 -2.26 -1.33
N TYR A 175 20.92 -2.90 -0.20
CA TYR A 175 19.65 -3.60 0.01
C TYR A 175 19.19 -4.44 -1.21
N PRO A 176 20.05 -5.37 -1.65
CA PRO A 176 19.61 -6.30 -2.71
C PRO A 176 18.41 -7.08 -2.22
N GLU A 177 17.29 -6.98 -2.94
CA GLU A 177 16.00 -7.45 -2.42
C GLU A 177 15.02 -7.70 -3.56
N ALA A 178 13.75 -7.90 -3.20
CA ALA A 178 12.72 -8.16 -4.16
C ALA A 178 13.06 -9.32 -5.15
N PRO A 179 13.74 -10.38 -4.67
CA PRO A 179 14.15 -11.39 -5.65
C PRO A 179 12.98 -12.22 -6.20
N HIS A 180 12.99 -12.39 -7.51
CA HIS A 180 12.10 -13.36 -8.17
C HIS A 180 12.94 -14.21 -9.13
N LEU A 181 12.70 -15.51 -9.08
CA LEU A 181 13.38 -16.47 -9.94
C LEU A 181 12.39 -16.82 -11.03
N TYR A 182 12.86 -16.82 -12.28
CA TYR A 182 12.05 -17.28 -13.41
C TYR A 182 12.89 -18.20 -14.27
N LYS A 183 12.20 -18.95 -15.12
CA LYS A 183 12.86 -19.77 -16.13
C LYS A 183 12.26 -19.42 -17.51
N VAL A 184 13.12 -18.90 -18.39
CA VAL A 184 12.71 -18.43 -19.71
C VAL A 184 13.77 -18.88 -20.73
N ASN A 185 13.30 -19.51 -21.81
CA ASN A 185 14.14 -20.00 -22.91
C ASN A 185 15.47 -20.66 -22.46
N GLY A 186 15.36 -21.56 -21.49
CA GLY A 186 16.49 -22.34 -21.00
C GLY A 186 17.41 -21.69 -19.98
N TRP A 187 17.13 -20.45 -19.58
CA TRP A 187 17.92 -19.78 -18.58
C TRP A 187 17.05 -19.54 -17.33
N TYR A 188 17.67 -19.65 -16.17
CA TYR A 188 17.08 -19.13 -14.93
C TYR A 188 17.47 -17.66 -14.82
N TYR A 189 16.49 -16.77 -14.61
CA TYR A 189 16.74 -15.36 -14.41
C TYR A 189 16.40 -15.00 -12.99
N LEU A 190 17.29 -14.26 -12.33
CA LEU A 190 17.05 -13.77 -10.97
C LEU A 190 16.92 -12.24 -11.11
N LEU A 191 15.74 -11.74 -10.81
CA LEU A 191 15.42 -10.32 -10.94
C LEU A 191 15.35 -9.77 -9.56
N ILE A 192 16.01 -8.65 -9.29
CA ILE A 192 16.04 -8.08 -7.93
C ILE A 192 15.94 -6.57 -8.00
N ALA A 193 15.76 -5.97 -6.82
CA ALA A 193 15.88 -4.51 -6.62
C ALA A 193 17.16 -4.25 -5.86
N GLU A 194 17.82 -3.15 -6.22
CA GLU A 194 18.94 -2.63 -5.46
C GLU A 194 18.78 -1.13 -5.24
N GLY A 195 19.62 -0.62 -4.35
CA GLY A 195 19.71 0.81 -4.13
C GLY A 195 18.78 1.40 -3.10
N GLY A 196 17.90 0.59 -2.52
CA GLY A 196 16.86 1.04 -1.62
C GLY A 196 15.67 1.55 -2.40
N THR A 197 14.49 1.44 -1.79
CA THR A 197 13.25 1.88 -2.42
C THR A 197 13.04 3.41 -2.39
N GLU A 198 14.12 4.17 -2.45
CA GLU A 198 14.06 5.63 -2.54
C GLU A 198 14.75 6.10 -3.82
N TYR A 199 15.45 7.23 -3.83
CA TYR A 199 15.92 7.80 -5.10
C TYR A 199 16.99 6.99 -5.79
N GLY A 200 17.58 6.06 -5.08
CA GLY A 200 18.55 5.12 -5.65
C GLY A 200 17.99 3.86 -6.25
N HIS A 201 16.65 3.68 -6.21
CA HIS A 201 16.03 2.41 -6.56
C HIS A 201 16.34 2.01 -8.00
N MET A 202 16.65 0.74 -8.18
CA MET A 202 16.83 0.21 -9.53
C MET A 202 16.50 -1.29 -9.56
N VAL A 203 16.31 -1.78 -10.78
CA VAL A 203 16.07 -3.21 -11.04
C VAL A 203 17.33 -3.77 -11.73
N THR A 204 17.83 -4.89 -11.23
CA THR A 204 18.94 -5.58 -11.88
C THR A 204 18.55 -7.03 -12.10
N VAL A 205 19.27 -7.69 -12.99
CA VAL A 205 18.99 -9.08 -13.33
C VAL A 205 20.30 -9.84 -13.51
N ALA A 206 20.24 -11.12 -13.14
CA ALA A 206 21.32 -12.07 -13.41
C ALA A 206 20.71 -13.35 -14.00
N ARG A 207 21.57 -14.21 -14.52
CA ARG A 207 21.05 -15.47 -15.07
C ARG A 207 22.02 -16.61 -14.83
N SER A 208 21.47 -17.82 -14.86
CA SER A 208 22.24 -19.03 -14.70
C SER A 208 21.54 -20.19 -15.38
N LYS A 209 22.34 -21.19 -15.73
CA LYS A 209 21.78 -22.47 -16.21
C LYS A 209 21.17 -23.30 -15.09
N TYR A 210 21.55 -22.98 -13.86
CA TYR A 210 21.11 -23.72 -12.67
C TYR A 210 20.35 -22.78 -11.73
N PRO A 211 19.36 -23.31 -11.00
CA PRO A 211 18.56 -22.42 -10.14
C PRO A 211 19.34 -21.80 -8.96
N PHE A 212 20.39 -22.47 -8.49
CA PHE A 212 21.23 -21.92 -7.42
C PHE A 212 22.50 -21.21 -7.93
N GLY A 213 22.63 -21.03 -9.23
CA GLY A 213 23.77 -20.30 -9.77
C GLY A 213 24.87 -21.24 -10.24
N PRO A 214 26.04 -20.71 -10.58
CA PRO A 214 26.39 -19.29 -10.37
C PRO A 214 25.67 -18.34 -11.30
N PHE A 215 25.34 -17.16 -10.77
CA PHE A 215 24.60 -16.17 -11.55
C PHE A 215 25.54 -15.16 -12.18
N GLU A 216 25.31 -14.89 -13.47
CA GLU A 216 26.07 -13.89 -14.20
C GLU A 216 25.25 -12.62 -14.21
N SER A 217 25.88 -11.51 -13.80
CA SER A 217 25.24 -10.19 -13.89
C SER A 217 24.98 -9.74 -15.34
N CYS A 218 23.79 -9.21 -15.63
CA CYS A 218 23.48 -8.66 -16.93
C CYS A 218 24.47 -7.55 -17.22
N PRO A 219 25.11 -7.58 -18.39
CA PRO A 219 26.12 -6.56 -18.67
C PRO A 219 25.61 -5.13 -18.80
N PHE A 220 24.32 -4.94 -19.04
CA PHE A 220 23.74 -3.61 -19.05
C PHE A 220 22.85 -3.31 -17.85
N ASN A 221 23.12 -3.98 -16.72
CA ASN A 221 22.48 -3.63 -15.46
C ASN A 221 22.82 -2.17 -15.13
N PRO A 222 21.90 -1.41 -14.57
CA PRO A 222 20.54 -1.86 -14.20
C PRO A 222 19.63 -1.81 -15.39
N ILE A 223 18.65 -2.71 -15.42
CA ILE A 223 17.70 -2.76 -16.51
C ILE A 223 16.49 -1.85 -16.38
N LEU A 224 16.31 -1.24 -15.21
CA LEU A 224 15.29 -0.21 -15.03
C LEU A 224 15.70 0.68 -13.88
N THR A 225 15.71 1.99 -14.08
CA THR A 225 15.93 2.93 -12.99
C THR A 225 15.74 4.37 -13.47
N HIS A 226 15.25 5.22 -12.57
CA HIS A 226 15.24 6.69 -12.77
C HIS A 226 16.23 7.40 -11.84
N ARG A 227 17.17 6.64 -11.26
CA ARG A 227 18.19 7.28 -10.42
C ARG A 227 18.94 8.30 -11.24
N SER A 228 19.36 9.40 -10.60
CA SER A 228 20.14 10.43 -11.31
C SER A 228 19.41 11.06 -12.49
N THR A 229 18.08 11.05 -12.47
CA THR A 229 17.26 11.78 -13.42
C THR A 229 16.33 12.72 -12.65
N ASN A 230 15.72 13.65 -13.35
CA ASN A 230 14.68 14.48 -12.75
C ASN A 230 13.31 14.11 -13.33
N HIS A 231 13.15 12.84 -13.72
CA HIS A 231 11.86 12.40 -14.27
C HIS A 231 10.74 12.55 -13.22
N PRO A 232 9.48 12.81 -13.63
CA PRO A 232 8.40 12.87 -12.63
C PRO A 232 8.14 11.58 -11.85
N LEU A 233 8.47 10.43 -12.46
CA LEU A 233 8.46 9.14 -11.77
C LEU A 233 9.83 8.82 -11.19
N GLN A 234 9.86 8.56 -9.89
CA GLN A 234 11.09 8.27 -9.18
C GLN A 234 11.01 6.97 -8.41
N ALA A 235 12.15 6.56 -7.88
CA ALA A 235 12.24 5.41 -6.97
C ALA A 235 11.64 4.14 -7.58
N ILE A 236 11.96 3.90 -8.84
CA ILE A 236 11.30 2.84 -9.60
C ILE A 236 12.04 1.51 -9.41
N GLY A 237 11.26 0.49 -9.12
CA GLY A 237 11.78 -0.86 -8.96
C GLY A 237 10.84 -1.78 -8.20
N HIS A 238 11.40 -2.87 -7.70
CA HIS A 238 10.62 -3.94 -7.07
C HIS A 238 9.66 -4.53 -8.11
N ALA A 239 10.27 -5.05 -9.17
CA ALA A 239 9.54 -5.50 -10.34
C ALA A 239 9.16 -7.00 -10.24
N ASP A 240 8.09 -7.37 -10.93
CA ASP A 240 7.74 -8.80 -11.15
C ASP A 240 7.28 -8.90 -12.61
N ILE A 241 7.74 -9.92 -13.33
CA ILE A 241 7.47 -10.03 -14.76
C ILE A 241 6.31 -10.99 -15.08
N VAL A 242 5.64 -10.73 -16.18
CA VAL A 242 4.56 -11.58 -16.66
C VAL A 242 4.68 -11.70 -18.16
N GLN A 243 4.39 -12.89 -18.67
CA GLN A 243 4.14 -13.04 -20.12
C GLN A 243 2.63 -12.98 -20.36
N TYR A 244 2.19 -11.95 -21.05
CA TYR A 244 0.80 -11.78 -21.40
C TYR A 244 0.43 -12.90 -22.39
N HIS A 245 -0.86 -13.20 -22.44
CA HIS A 245 -1.33 -14.33 -23.23
C HIS A 245 -1.18 -14.19 -24.75
N ASP A 246 -0.95 -12.98 -25.26
CA ASP A 246 -0.47 -12.82 -26.65
C ASP A 246 1.02 -13.09 -26.88
N GLY A 247 1.74 -13.50 -25.85
CA GLY A 247 3.17 -13.77 -25.93
C GLY A 247 4.13 -12.64 -25.56
N SER A 248 3.62 -11.41 -25.47
CA SER A 248 4.46 -10.25 -25.13
C SER A 248 4.77 -10.26 -23.64
N TRP A 249 5.89 -9.62 -23.27
CA TRP A 249 6.34 -9.61 -21.90
C TRP A 249 6.24 -8.21 -21.29
N TRP A 250 5.92 -8.18 -19.99
CA TRP A 250 5.67 -6.93 -19.27
C TRP A 250 6.19 -7.06 -17.85
N ALA A 251 6.52 -5.92 -17.24
CA ALA A 251 6.85 -5.85 -15.83
C ALA A 251 5.92 -4.89 -15.13
N VAL A 252 5.52 -5.26 -13.91
CA VAL A 252 4.93 -4.35 -13.00
C VAL A 252 5.98 -4.02 -11.97
N PHE A 253 5.91 -2.83 -11.43
CA PHE A 253 6.91 -2.38 -10.44
C PHE A 253 6.29 -1.15 -9.80
N HIS A 254 6.94 -0.55 -8.80
CA HIS A 254 6.41 0.71 -8.29
C HIS A 254 7.30 1.90 -8.57
N GLY A 255 6.74 3.07 -8.37
CA GLY A 255 7.47 4.32 -8.40
C GLY A 255 6.67 5.40 -7.70
N THR A 256 7.31 6.53 -7.47
CA THR A 256 6.68 7.65 -6.79
C THR A 256 6.54 8.82 -7.74
N ARG A 257 5.66 9.73 -7.36
CA ARG A 257 5.48 11.02 -8.07
C ARG A 257 5.77 12.15 -7.08
N PRO A 258 7.07 12.45 -6.87
CA PRO A 258 7.37 13.50 -5.90
C PRO A 258 7.14 14.89 -6.45
N ILE A 259 6.99 15.82 -5.53
CA ILE A 259 6.85 17.21 -5.83
C ILE A 259 7.79 18.02 -4.92
N SER A 260 7.85 19.33 -5.17
CA SER A 260 8.66 20.24 -4.37
C SER A 260 10.15 19.96 -4.62
N TYR A 261 11.00 20.65 -3.88
CA TYR A 261 12.44 20.44 -3.96
C TYR A 261 13.05 20.64 -2.56
N PRO A 262 13.85 19.71 -2.05
CA PRO A 262 14.11 18.38 -2.59
C PRO A 262 12.82 17.57 -2.73
N PRO A 263 12.84 16.54 -3.56
CA PRO A 263 11.61 15.81 -3.89
C PRO A 263 10.98 15.14 -2.70
N LYS A 264 9.67 15.27 -2.61
CA LYS A 264 8.89 14.73 -1.49
C LYS A 264 7.61 14.16 -2.06
N HIS A 265 7.24 12.97 -1.62
CA HIS A 265 6.04 12.31 -2.16
C HIS A 265 5.09 11.93 -1.03
N HIS A 266 3.79 12.12 -1.29
CA HIS A 266 2.74 11.85 -0.34
C HIS A 266 1.67 10.86 -0.78
N LEU A 267 1.71 10.43 -2.03
CA LEU A 267 0.74 9.45 -2.53
C LEU A 267 1.23 8.01 -2.43
N GLY A 268 2.32 7.79 -1.71
CA GLY A 268 2.91 6.47 -1.60
C GLY A 268 3.63 6.07 -2.86
N ARG A 269 4.00 4.79 -2.87
CA ARG A 269 4.57 4.18 -4.01
C ARG A 269 3.46 3.51 -4.75
N GLU A 270 3.45 3.74 -6.07
CA GLU A 270 2.30 3.49 -6.93
C GLU A 270 2.70 2.48 -7.97
N THR A 271 1.77 1.62 -8.37
CA THR A 271 2.12 0.53 -9.28
C THR A 271 2.12 1.04 -10.73
N CYS A 272 3.19 0.68 -11.41
CA CYS A 272 3.44 1.03 -12.81
C CYS A 272 3.66 -0.20 -13.67
N LEU A 273 3.58 0.03 -14.98
CA LEU A 273 3.67 -1.04 -15.97
C LEU A 273 4.63 -0.62 -17.09
N ALA A 274 5.45 -1.56 -17.53
CA ALA A 274 6.32 -1.35 -18.71
C ALA A 274 6.55 -2.63 -19.49
N PRO A 275 6.75 -2.49 -20.81
CA PRO A 275 7.04 -3.67 -21.62
C PRO A 275 8.44 -4.16 -21.41
N ILE A 276 8.67 -5.45 -21.72
CA ILE A 276 9.99 -6.03 -21.77
C ILE A 276 10.29 -6.49 -23.19
N LYS A 277 11.51 -6.19 -23.65
CA LYS A 277 12.08 -6.80 -24.86
C LYS A 277 13.25 -7.67 -24.46
N TRP A 278 13.34 -8.82 -25.11
CA TRP A 278 14.43 -9.74 -24.85
C TRP A 278 15.49 -9.52 -25.92
N THR A 279 16.72 -9.32 -25.50
CA THR A 279 17.81 -9.06 -26.43
C THR A 279 18.16 -10.37 -27.15
N ASP A 280 18.74 -10.24 -28.34
CA ASP A 280 19.19 -11.41 -29.11
C ASP A 280 20.03 -12.33 -28.28
N ASP A 281 20.91 -11.78 -27.44
CA ASP A 281 21.78 -12.58 -26.56
C ASP A 281 21.19 -12.96 -25.17
N GLY A 282 19.86 -12.83 -25.00
CA GLY A 282 19.13 -13.47 -23.89
C GLY A 282 19.02 -12.70 -22.57
N TRP A 283 18.87 -11.38 -22.67
CA TRP A 283 18.66 -10.54 -21.49
C TRP A 283 17.42 -9.68 -21.67
N PRO A 284 16.68 -9.40 -20.58
CA PRO A 284 15.50 -8.58 -20.69
C PRO A 284 15.88 -7.12 -20.49
N ILE A 285 15.26 -6.24 -21.25
CA ILE A 285 15.38 -4.82 -20.98
C ILE A 285 13.97 -4.22 -20.84
N ILE A 286 13.82 -3.44 -19.80
CA ILE A 286 12.53 -2.92 -19.46
C ILE A 286 12.37 -1.51 -20.00
N GLY A 287 11.21 -1.25 -20.61
CA GLY A 287 10.83 0.09 -21.02
C GLY A 287 11.68 0.61 -22.17
N TYR A 288 11.99 1.91 -22.13
CA TYR A 288 12.77 2.59 -23.19
C TYR A 288 14.23 2.55 -22.76
N ASN A 289 14.90 1.45 -23.04
CA ASN A 289 16.27 1.25 -22.63
C ASN A 289 16.51 1.52 -21.12
N GLY A 290 15.60 1.05 -20.29
CA GLY A 290 15.82 1.14 -18.86
C GLY A 290 15.17 2.32 -18.21
N ARG A 291 14.38 3.08 -18.96
CA ARG A 291 13.56 4.17 -18.43
C ARG A 291 12.12 4.05 -18.91
N ILE A 292 11.24 4.75 -18.20
CA ILE A 292 9.82 4.72 -18.45
C ILE A 292 9.26 6.12 -18.40
N ASP A 293 7.98 6.25 -18.75
CA ASP A 293 7.33 7.58 -18.77
CA ASP A 293 7.30 7.53 -18.88
C ASP A 293 5.91 7.45 -18.27
N ILE A 294 5.35 8.62 -18.02
CA ILE A 294 3.97 8.77 -17.66
C ILE A 294 3.07 8.26 -18.77
N LYS A 295 3.34 8.57 -20.02
CA LYS A 295 2.57 7.99 -21.15
C LYS A 295 3.41 6.93 -21.81
N MET A 296 2.81 5.77 -22.04
CA MET A 296 3.53 4.63 -22.59
C MET A 296 2.70 4.05 -23.72
N ASP A 297 3.38 3.44 -24.68
CA ASP A 297 2.68 2.68 -25.73
C ASP A 297 2.15 1.37 -25.16
N ALA A 298 0.90 1.05 -25.46
CA ALA A 298 0.21 -0.14 -24.94
C ALA A 298 0.51 -1.42 -25.72
N GLY A 299 1.32 -1.35 -26.78
CA GLY A 299 1.57 -2.53 -27.63
C GLY A 299 0.23 -3.01 -28.13
N TYR A 300 -0.01 -4.32 -28.05
CA TYR A 300 -1.31 -4.90 -28.40
C TYR A 300 -2.23 -5.15 -27.21
N LEU A 301 -1.91 -4.57 -26.03
CA LEU A 301 -2.80 -4.73 -24.89
C LEU A 301 -4.13 -4.07 -25.24
N PRO A 302 -5.25 -4.76 -24.97
CA PRO A 302 -6.56 -4.12 -25.22
C PRO A 302 -6.91 -2.99 -24.25
N VAL A 303 -6.86 -1.75 -24.72
CA VAL A 303 -7.12 -0.61 -23.84
C VAL A 303 -8.62 -0.43 -23.65
N LYS A 304 -9.02 0.16 -22.52
CA LYS A 304 -10.45 0.43 -22.24
C LYS A 304 -10.77 1.90 -22.48
N GLU A 311 -14.05 7.66 -11.72
CA GLU A 311 -13.19 7.49 -10.53
C GLU A 311 -13.78 8.13 -9.23
N ILE A 312 -14.97 8.73 -9.36
CA ILE A 312 -15.70 9.31 -8.22
C ILE A 312 -16.24 8.20 -7.33
N ILE A 313 -15.91 8.23 -6.03
CA ILE A 313 -16.36 7.22 -5.06
C ILE A 313 -17.22 7.84 -3.95
N GLU A 314 -18.45 7.36 -3.80
CA GLU A 314 -19.40 7.87 -2.84
C GLU A 314 -19.89 6.70 -2.02
N ASP A 315 -19.66 6.72 -0.74
CA ASP A 315 -20.12 5.66 0.14
C ASP A 315 -21.22 6.23 1.00
N ASP A 316 -22.43 5.69 0.85
CA ASP A 316 -23.59 6.12 1.66
C ASP A 316 -23.77 5.27 2.91
N PHE A 317 -22.86 4.30 3.12
CA PHE A 317 -22.92 3.41 4.30
C PHE A 317 -24.23 2.63 4.41
N ASN A 318 -24.81 2.29 3.25
CA ASN A 318 -26.10 1.58 3.20
C ASN A 318 -25.96 0.08 3.39
N SER A 319 -24.79 -0.45 3.21
CA SER A 319 -24.54 -1.88 3.35
C SER A 319 -24.00 -2.16 4.72
N ASP A 320 -24.27 -3.35 5.26
CA ASP A 320 -23.67 -3.74 6.54
C ASP A 320 -22.28 -4.37 6.38
N ILE A 321 -21.79 -4.44 5.14
CA ILE A 321 -20.41 -4.84 4.85
C ILE A 321 -19.63 -3.57 4.45
N PHE A 322 -18.46 -3.35 5.07
CA PHE A 322 -17.59 -2.25 4.64
C PHE A 322 -17.11 -2.44 3.22
N SER A 323 -17.08 -1.37 2.45
CA SER A 323 -16.51 -1.43 1.11
C SER A 323 -15.02 -1.75 1.17
N THR A 324 -14.49 -2.24 0.06
CA THR A 324 -13.05 -2.55 -0.02
C THR A 324 -12.16 -1.31 -0.02
N ASP A 325 -12.71 -0.09 -0.13
CA ASP A 325 -11.83 1.09 0.01
C ASP A 325 -11.29 1.31 1.41
N TRP A 326 -12.00 0.82 2.43
CA TRP A 326 -11.73 1.19 3.80
C TRP A 326 -10.65 0.34 4.46
N ASN A 327 -9.73 0.99 5.15
CA ASN A 327 -8.78 0.29 5.98
C ASN A 327 -8.79 0.88 7.36
N PHE A 328 -8.34 0.06 8.31
CA PHE A 328 -8.20 0.44 9.70
C PHE A 328 -6.70 0.50 10.04
N ILE A 329 -6.38 1.18 11.13
CA ILE A 329 -5.01 1.22 11.64
C ILE A 329 -4.83 -0.02 12.54
N GLN A 330 -4.07 -1.00 12.09
CA GLN A 330 -3.92 -2.29 12.77
C GLN A 330 -5.28 -3.04 12.81
N ASN A 331 -5.38 -4.07 13.64
CA ASN A 331 -6.62 -4.83 13.75
C ASN A 331 -7.65 -3.97 14.46
N PRO A 332 -8.80 -3.73 13.81
CA PRO A 332 -9.76 -2.83 14.50
C PRO A 332 -10.47 -3.46 15.69
N ARG A 333 -10.88 -2.63 16.64
CA ARG A 333 -11.77 -3.04 17.73
C ARG A 333 -13.17 -2.98 17.12
N LEU A 334 -13.64 -4.12 16.60
CA LEU A 334 -14.85 -4.16 15.78
C LEU A 334 -16.08 -3.57 16.50
N GLU A 335 -16.10 -3.68 17.82
CA GLU A 335 -17.23 -3.21 18.63
C GLU A 335 -17.41 -1.68 18.56
N HIS A 336 -16.37 -0.97 18.06
CA HIS A 336 -16.41 0.50 17.99
C HIS A 336 -16.82 1.05 16.66
N TYR A 337 -17.18 0.18 15.71
CA TYR A 337 -17.69 0.58 14.44
C TYR A 337 -18.98 -0.19 14.24
N SER A 338 -20.05 0.50 13.86
CA SER A 338 -21.30 -0.21 13.59
C SER A 338 -22.00 0.37 12.39
N LEU A 339 -22.40 -0.51 11.46
CA LEU A 339 -23.23 -0.13 10.35
C LEU A 339 -24.70 -0.48 10.60
N LYS A 340 -24.99 -1.06 11.77
CA LYS A 340 -26.35 -1.54 12.14
C LYS A 340 -27.03 -0.71 13.20
N GLY A 341 -26.28 -0.02 14.04
CA GLY A 341 -26.84 0.79 15.11
C GLY A 341 -27.76 1.87 14.59
N ARG A 342 -27.31 2.57 13.56
CA ARG A 342 -28.14 3.51 12.84
C ARG A 342 -28.03 3.14 11.37
N PRO A 343 -29.05 2.40 10.85
CA PRO A 343 -28.96 1.98 9.48
C PRO A 343 -28.74 3.14 8.53
N SER A 344 -27.86 2.92 7.58
CA SER A 344 -27.45 3.88 6.57
C SER A 344 -26.46 4.90 7.07
N TRP A 345 -25.90 4.68 8.25
CA TRP A 345 -24.82 5.53 8.78
C TRP A 345 -23.75 4.63 9.35
N LEU A 346 -22.56 5.18 9.50
CA LEU A 346 -21.46 4.51 10.21
C LEU A 346 -21.44 5.14 11.58
N LYS A 347 -21.56 4.34 12.64
CA LYS A 347 -21.54 4.83 14.00
C LYS A 347 -20.23 4.41 14.62
N MET A 348 -19.44 5.37 15.11
CA MET A 348 -18.15 5.09 15.66
C MET A 348 -18.02 5.53 17.11
N ARG A 349 -17.36 4.71 17.89
CA ARG A 349 -17.09 5.00 19.28
C ARG A 349 -15.61 5.27 19.44
N GLY A 350 -15.29 6.53 19.72
CA GLY A 350 -13.91 6.94 20.01
C GLY A 350 -13.46 6.33 21.33
N THR A 351 -12.18 5.97 21.42
CA THR A 351 -11.63 5.45 22.67
C THR A 351 -10.65 6.48 23.25
N GLU A 352 -9.93 6.09 24.30
CA GLU A 352 -8.84 6.89 24.87
C GLU A 352 -7.75 7.16 23.85
N LYS A 353 -7.59 6.27 22.89
CA LYS A 353 -6.55 6.40 21.86
C LYS A 353 -6.87 7.52 20.88
N THR A 354 -5.84 8.26 20.48
CA THR A 354 -5.98 9.34 19.52
C THR A 354 -5.21 9.02 18.25
N LEU A 355 -5.28 9.91 17.27
CA LEU A 355 -4.51 9.74 16.05
C LEU A 355 -3.00 9.80 16.29
N ASN A 356 -2.58 10.28 17.46
CA ASN A 356 -1.16 10.25 17.82
C ASN A 356 -0.67 8.90 18.37
N ASP A 357 -1.59 7.96 18.61
CA ASP A 357 -1.26 6.66 19.18
C ASP A 357 -1.18 5.59 18.09
N ILE A 358 -0.22 4.69 18.17
CA ILE A 358 -0.11 3.66 17.14
C ILE A 358 -1.14 2.57 17.27
N ASN A 359 -1.55 2.24 18.50
CA ASN A 359 -2.36 1.04 18.69
C ASN A 359 -3.89 1.19 18.50
N SER A 360 -4.32 1.09 17.25
CA SER A 360 -5.73 1.19 16.79
C SER A 360 -6.64 2.24 17.48
N PRO A 361 -6.38 3.51 17.19
CA PRO A 361 -7.44 4.46 17.47
C PRO A 361 -8.65 4.17 16.59
N THR A 362 -9.81 4.69 16.97
CA THR A 362 -11.00 4.52 16.18
C THR A 362 -10.90 5.38 14.91
N PHE A 363 -10.68 4.71 13.81
CA PHE A 363 -10.32 5.32 12.54
C PHE A 363 -10.66 4.35 11.45
N ILE A 364 -11.21 4.89 10.37
CA ILE A 364 -11.38 4.14 9.14
C ILE A 364 -10.97 5.09 8.03
N GLY A 365 -10.16 4.62 7.09
CA GLY A 365 -9.64 5.51 6.05
C GLY A 365 -9.47 4.88 4.71
N ARG A 366 -9.31 5.74 3.71
CA ARG A 366 -9.05 5.30 2.35
C ARG A 366 -7.90 6.10 1.78
N ARG A 367 -7.20 5.48 0.84
CA ARG A 367 -6.00 6.08 0.28
C ARG A 367 -6.29 7.36 -0.50
N GLN A 368 -5.40 8.35 -0.36
CA GLN A 368 -5.34 9.42 -1.35
C GLN A 368 -4.68 8.90 -2.61
N GLU A 369 -5.45 8.94 -3.71
CA GLU A 369 -5.01 8.35 -4.98
C GLU A 369 -4.81 9.38 -6.09
N HIS A 370 -4.99 10.67 -5.77
CA HIS A 370 -4.88 11.75 -6.72
C HIS A 370 -4.31 12.96 -6.02
N PHE A 371 -3.52 13.72 -6.74
CA PHE A 371 -3.04 14.99 -6.23
C PHE A 371 -4.14 16.02 -6.00
N VAL A 372 -5.13 16.01 -6.89
CA VAL A 372 -6.22 16.97 -6.82
C VAL A 372 -7.51 16.20 -6.61
N CYS A 373 -8.14 16.44 -5.47
CA CYS A 373 -9.39 15.76 -5.15
C CYS A 373 -10.11 16.52 -4.07
N ASN A 374 -11.39 16.24 -3.94
CA ASN A 374 -12.22 16.83 -2.89
C ASN A 374 -12.87 15.70 -2.10
N VAL A 375 -12.67 15.74 -0.79
CA VAL A 375 -13.09 14.70 0.11
C VAL A 375 -14.02 15.29 1.14
N SER A 376 -15.19 14.66 1.34
CA SER A 376 -16.16 15.21 2.29
C SER A 376 -16.94 14.14 3.03
N THR A 377 -17.50 14.54 4.14
CA THR A 377 -18.34 13.69 4.97
C THR A 377 -19.34 14.50 5.74
N LEU A 378 -20.50 13.92 6.05
CA LEU A 378 -21.45 14.52 6.96
C LEU A 378 -21.39 13.76 8.27
N LEU A 379 -21.19 14.52 9.34
CA LEU A 379 -21.03 14.01 10.67
C LEU A 379 -22.12 14.56 11.57
N GLU A 380 -22.74 13.67 12.32
CA GLU A 380 -23.54 14.07 13.48
C GLU A 380 -22.74 13.72 14.73
N PHE A 381 -22.51 14.72 15.57
CA PHE A 381 -21.71 14.58 16.77
C PHE A 381 -22.02 15.67 17.76
N LYS A 382 -22.43 15.26 18.97
CA LYS A 382 -22.77 16.14 20.07
C LYS A 382 -21.83 15.76 21.23
N PRO A 383 -20.64 16.36 21.27
CA PRO A 383 -19.72 15.92 22.30
C PRO A 383 -20.27 16.28 23.66
N ASN A 384 -20.18 15.32 24.57
CA ASN A 384 -20.75 15.46 25.91
C ASN A 384 -19.78 16.14 26.87
N GLN A 385 -18.48 15.97 26.64
CA GLN A 385 -17.43 16.44 27.56
C GLN A 385 -16.28 17.05 26.78
N ASP A 386 -15.44 17.83 27.45
CA ASP A 386 -14.35 18.54 26.77
C ASP A 386 -13.32 17.67 26.01
N ASN A 387 -13.11 16.45 26.44
CA ASN A 387 -12.08 15.65 25.72
C ASN A 387 -12.58 15.13 24.31
N GLU A 388 -13.89 15.29 24.02
CA GLU A 388 -14.50 14.42 22.99
C GLU A 388 -14.41 15.05 21.64
N GLU A 389 -14.08 14.24 20.63
CA GLU A 389 -13.63 14.77 19.32
C GLU A 389 -13.93 13.77 18.21
N ALA A 390 -14.48 14.26 17.10
CA ALA A 390 -14.67 13.42 15.93
C ALA A 390 -14.55 14.28 14.68
N GLY A 391 -14.04 13.68 13.62
CA GLY A 391 -13.84 14.41 12.39
C GLY A 391 -13.22 13.67 11.26
N LEU A 392 -12.56 14.45 10.40
CA LEU A 392 -12.02 14.00 9.13
C LEU A 392 -10.54 14.34 9.13
N THR A 393 -9.74 13.33 8.89
CA THR A 393 -8.28 13.46 8.97
C THR A 393 -7.60 13.20 7.61
N VAL A 394 -6.45 13.87 7.41
CA VAL A 394 -5.50 13.55 6.37
C VAL A 394 -4.29 12.99 7.14
N TYR A 395 -4.02 11.71 6.94
CA TYR A 395 -3.19 10.92 7.86
C TYR A 395 -2.09 10.19 7.13
N MET A 396 -0.84 10.44 7.55
CA MET A 396 0.30 9.67 7.11
C MET A 396 0.71 8.64 8.15
N ASN A 397 0.98 9.10 9.36
CA ASN A 397 1.29 8.20 10.44
C ASN A 397 1.02 8.93 11.74
N GLU A 398 1.37 8.31 12.87
CA GLU A 398 0.95 8.84 14.15
C GLU A 398 1.58 10.19 14.52
N LYS A 399 2.66 10.58 13.87
CA LYS A 399 3.28 11.87 14.08
C LYS A 399 3.06 12.84 12.94
N HIS A 400 2.28 12.44 11.90
CA HIS A 400 2.08 13.30 10.73
C HIS A 400 0.65 13.15 10.27
N HIS A 401 -0.20 14.07 10.74
CA HIS A 401 -1.61 14.03 10.36
C HIS A 401 -2.25 15.40 10.65
N TYR A 402 -3.26 15.75 9.85
CA TYR A 402 -4.04 16.97 10.03
C TYR A 402 -5.51 16.53 10.19
N GLU A 403 -6.26 17.27 10.98
CA GLU A 403 -7.67 16.94 11.18
C GLU A 403 -8.54 18.18 11.27
N ILE A 404 -9.76 18.07 10.75
CA ILE A 404 -10.81 19.05 11.00
C ILE A 404 -11.87 18.28 11.78
N ALA A 405 -12.35 18.85 12.87
CA ALA A 405 -13.15 18.07 13.80
C ALA A 405 -14.09 18.94 14.60
N LEU A 406 -15.15 18.32 15.10
CA LEU A 406 -15.98 18.91 16.16
C LEU A 406 -15.45 18.50 17.48
N THR A 407 -15.39 19.44 18.42
CA THR A 407 -14.99 19.12 19.78
C THR A 407 -15.68 20.09 20.75
N LYS A 408 -15.35 19.95 22.03
CA LYS A 408 -15.93 20.77 23.08
C LYS A 408 -14.80 21.31 23.92
N LYS A 409 -14.86 22.59 24.24
CA LYS A 409 -13.88 23.19 25.17
C LYS A 409 -14.57 24.22 26.04
N ASN A 410 -14.39 24.08 27.36
CA ASN A 410 -15.02 24.94 28.36
C ASN A 410 -16.51 25.11 28.13
N GLY A 411 -17.20 23.97 27.97
CA GLY A 411 -18.64 23.98 27.75
C GLY A 411 -19.16 24.31 26.36
N ARG A 412 -18.28 24.76 25.45
CA ARG A 412 -18.69 25.24 24.12
C ARG A 412 -18.22 24.27 23.02
N ILE A 413 -19.07 24.11 22.00
CA ILE A 413 -18.77 23.26 20.82
C ILE A 413 -18.00 24.09 19.81
N ASN A 414 -16.88 23.56 19.34
CA ASN A 414 -15.98 24.28 18.43
C ASN A 414 -15.65 23.38 17.25
N VAL A 415 -15.57 23.94 16.05
CA VAL A 415 -14.92 23.24 14.93
C VAL A 415 -13.45 23.64 14.99
N VAL A 416 -12.55 22.68 14.89
CA VAL A 416 -11.12 22.96 15.00
C VAL A 416 -10.34 22.32 13.84
N LEU A 417 -9.21 22.97 13.55
CA LEU A 417 -8.22 22.44 12.64
C LEU A 417 -7.00 22.16 13.52
N LYS A 418 -6.59 20.91 13.52
CA LYS A 418 -5.48 20.42 14.39
C LYS A 418 -4.42 19.79 13.51
N LYS A 419 -3.16 19.94 13.90
CA LYS A 419 -2.06 19.31 13.16
C LYS A 419 -1.11 18.65 14.15
N THR A 420 -0.61 17.47 13.75
CA THR A 420 0.57 16.86 14.35
C THR A 420 1.61 16.72 13.26
N VAL A 421 2.77 17.32 13.48
CA VAL A 421 3.90 17.20 12.57
C VAL A 421 5.12 16.98 13.44
N GLY A 422 5.62 15.75 13.43
CA GLY A 422 6.75 15.37 14.25
C GLY A 422 6.39 15.52 15.72
N ASP A 423 7.13 16.38 16.41
CA ASP A 423 6.88 16.68 17.79
C ASP A 423 6.02 17.90 18.04
N ILE A 424 5.46 18.48 16.98
CA ILE A 424 4.63 19.66 17.10
C ILE A 424 3.17 19.23 17.02
N GLN A 425 2.39 19.64 18.02
CA GLN A 425 0.93 19.40 18.04
C GLN A 425 0.28 20.75 18.27
N VAL A 426 -0.52 21.21 17.31
CA VAL A 426 -1.06 22.54 17.36
CA VAL A 426 -1.06 22.56 17.32
C VAL A 426 -2.53 22.55 16.96
N VAL A 427 -3.29 23.45 17.59
CA VAL A 427 -4.63 23.80 17.14
C VAL A 427 -4.48 25.08 16.36
N VAL A 428 -4.67 24.98 15.05
CA VAL A 428 -4.42 26.05 14.08
C VAL A 428 -5.54 27.07 14.06
N ASN A 429 -6.78 26.62 14.21
CA ASN A 429 -7.93 27.54 14.21
C ASN A 429 -9.07 26.86 14.94
N SER A 430 -9.98 27.68 15.47
CA SER A 430 -11.11 27.19 16.25
C SER A 430 -12.26 28.17 16.06
N LEU A 431 -13.43 27.68 15.69
CA LEU A 431 -14.61 28.53 15.57
C LEU A 431 -15.75 27.88 16.33
N GLU A 432 -16.51 28.68 17.07
CA GLU A 432 -17.67 28.13 17.75
C GLU A 432 -18.67 27.63 16.70
N TYR A 433 -19.31 26.51 17.00
CA TYR A 433 -20.32 25.90 16.11
C TYR A 433 -21.58 25.55 16.89
N PHE A 434 -22.74 25.73 16.26
CA PHE A 434 -24.00 25.79 16.98
C PHE A 434 -25.04 24.75 16.53
N SER A 435 -24.59 23.69 15.88
CA SER A 435 -25.52 22.60 15.62
C SER A 435 -24.88 21.23 15.70
N ASN A 436 -25.73 20.21 15.56
CA ASN A 436 -25.37 18.82 15.86
C ASN A 436 -24.82 18.07 14.66
N THR A 437 -24.98 18.64 13.47
CA THR A 437 -24.46 18.04 12.24
C THR A 437 -23.62 19.07 11.50
N ILE A 438 -22.66 18.56 10.75
CA ILE A 438 -21.68 19.35 10.03
C ILE A 438 -21.21 18.55 8.81
N ILE A 439 -20.88 19.23 7.73
CA ILE A 439 -20.19 18.62 6.61
C ILE A 439 -18.73 19.11 6.59
N PHE A 440 -17.78 18.18 6.65
CA PHE A 440 -16.37 18.53 6.51
C PHE A 440 -15.93 18.29 5.09
N SER A 441 -15.12 19.19 4.56
CA SER A 441 -14.59 18.95 3.23
CA SER A 441 -14.63 19.07 3.20
C SER A 441 -13.13 19.38 3.17
N ILE A 442 -12.35 18.58 2.46
CA ILE A 442 -10.94 18.86 2.23
C ILE A 442 -10.72 18.93 0.72
N GLN A 443 -10.18 20.04 0.26
CA GLN A 443 -9.72 20.16 -1.10
C GLN A 443 -8.21 19.95 -1.12
N ALA A 444 -7.75 18.92 -1.83
CA ALA A 444 -6.33 18.66 -1.97
C ALA A 444 -5.85 19.21 -3.30
N ASN A 445 -4.69 19.83 -3.29
CA ASN A 445 -3.95 20.08 -4.53
C ASN A 445 -2.51 19.66 -4.24
N PRO A 446 -1.62 19.74 -5.25
CA PRO A 446 -0.31 19.15 -4.99
C PRO A 446 0.42 19.71 -3.78
N GLU A 447 0.28 21.01 -3.53
CA GLU A 447 1.03 21.66 -2.44
C GLU A 447 0.29 21.79 -1.11
N GLU A 448 -1.05 21.72 -1.10
CA GLU A 448 -1.79 22.01 0.12
C GLU A 448 -3.14 21.38 0.17
N TYR A 449 -3.58 21.19 1.40
CA TYR A 449 -4.93 20.75 1.70
C TYR A 449 -5.65 21.97 2.25
N LYS A 450 -6.90 22.17 1.85
CA LYS A 450 -7.73 23.26 2.33
C LYS A 450 -8.93 22.67 3.05
N PHE A 451 -9.08 23.04 4.31
CA PHE A 451 -10.04 22.48 5.21
C PHE A 451 -11.23 23.41 5.39
N SER A 452 -12.42 22.93 5.01
CA SER A 452 -13.64 23.74 5.09
C SER A 452 -14.72 22.96 5.82
N PHE A 453 -15.69 23.68 6.36
CA PHE A 453 -16.89 23.01 6.84
C PHE A 453 -18.11 23.73 6.28
N VAL A 454 -19.19 22.98 6.18
CA VAL A 454 -20.46 23.49 5.68
C VAL A 454 -21.50 23.25 6.78
N ASP A 455 -22.33 24.27 7.06
CA ASP A 455 -23.49 24.11 7.91
C ASP A 455 -24.56 23.45 7.02
N PRO A 456 -24.92 22.18 7.28
CA PRO A 456 -25.81 21.46 6.34
C PRO A 456 -27.15 22.16 6.07
N ASN A 457 -27.61 22.86 7.08
CA ASN A 457 -28.92 23.55 7.12
C ASN A 457 -28.95 24.80 6.25
N THR A 458 -27.78 25.36 5.90
CA THR A 458 -27.71 26.56 5.06
C THR A 458 -26.94 26.38 3.77
N GLY A 459 -26.02 25.41 3.73
CA GLY A 459 -25.15 25.23 2.56
C GLY A 459 -23.97 26.19 2.56
N GLN A 460 -23.84 27.03 3.58
CA GLN A 460 -22.75 28.02 3.69
C GLN A 460 -21.45 27.31 4.03
N THR A 461 -20.40 27.57 3.22
CA THR A 461 -19.09 26.96 3.42
C THR A 461 -18.19 27.97 4.12
N TYR A 462 -17.25 27.47 4.92
CA TYR A 462 -16.30 28.33 5.62
C TYR A 462 -14.93 27.66 5.51
N LEU A 463 -13.91 28.39 5.09
CA LEU A 463 -12.54 27.86 5.04
C LEU A 463 -11.90 28.02 6.41
N LEU A 464 -11.61 26.92 7.08
CA LEU A 464 -11.09 26.97 8.43
C LEU A 464 -9.57 27.12 8.44
N GLY A 465 -8.93 26.58 7.40
CA GLY A 465 -7.48 26.73 7.26
C GLY A 465 -6.87 25.77 6.28
N THR A 466 -5.54 25.77 6.24
CA THR A 466 -4.83 25.03 5.20
C THR A 466 -3.67 24.31 5.82
N GLY A 467 -3.15 23.32 5.10
CA GLY A 467 -1.92 22.62 5.52
C GLY A 467 -1.09 22.11 4.37
N LEU A 468 0.22 22.06 4.54
CA LEU A 468 1.11 21.62 3.49
C LEU A 468 1.14 20.11 3.26
N THR A 469 1.09 19.69 2.01
CA THR A 469 1.24 18.29 1.69
C THR A 469 2.62 17.85 2.08
N THR A 470 3.61 18.72 1.93
CA THR A 470 4.99 18.26 2.10
C THR A 470 5.29 17.82 3.54
N LEU A 471 4.59 18.37 4.53
CA LEU A 471 4.84 17.95 5.92
C LEU A 471 4.21 16.62 6.25
N LEU A 472 3.40 16.05 5.34
CA LEU A 472 2.92 14.69 5.47
C LEU A 472 3.66 13.71 4.55
N SER A 473 4.62 14.16 3.77
CA SER A 473 5.29 13.29 2.81
C SER A 473 6.05 12.19 3.57
N THR A 474 6.28 11.10 2.88
CA THR A 474 7.09 10.01 3.44
C THR A 474 8.50 10.49 3.87
N GLU A 475 9.09 11.36 3.07
CA GLU A 475 10.44 11.85 3.39
C GLU A 475 10.46 12.53 4.74
N VAL A 476 9.39 13.25 5.05
CA VAL A 476 9.27 13.94 6.31
C VAL A 476 8.86 13.01 7.44
N ALA A 477 7.83 12.21 7.19
CA ALA A 477 7.12 11.44 8.20
C ALA A 477 7.81 10.16 8.58
N GLY A 478 8.57 9.59 7.66
CA GLY A 478 9.08 8.24 7.82
C GLY A 478 8.15 7.17 7.29
N GLY A 479 8.64 5.94 7.35
CA GLY A 479 7.89 4.78 6.94
C GLY A 479 7.77 4.58 5.44
N PHE A 480 6.75 3.83 5.06
CA PHE A 480 6.68 3.17 3.75
C PHE A 480 5.32 3.30 3.05
N THR A 481 4.55 4.32 3.41
CA THR A 481 3.14 4.36 3.06
C THR A 481 2.76 5.69 2.40
N GLY A 482 1.50 5.81 2.03
CA GLY A 482 0.93 7.06 1.48
C GLY A 482 -0.15 7.63 2.38
N VAL A 483 -0.58 8.83 2.06
CA VAL A 483 -1.62 9.51 2.85
C VAL A 483 -2.94 8.77 2.65
N TYR A 484 -3.68 8.72 3.76
CA TYR A 484 -5.09 8.32 3.82
C TYR A 484 -5.96 9.48 4.24
N PHE A 485 -7.21 9.46 3.77
CA PHE A 485 -8.25 10.30 4.32
C PHE A 485 -9.09 9.43 5.23
N GLY A 486 -9.30 9.87 6.47
CA GLY A 486 -10.00 9.03 7.43
C GLY A 486 -11.08 9.71 8.21
N LEU A 487 -12.05 8.92 8.65
CA LEU A 487 -13.05 9.31 9.62
C LEU A 487 -12.62 8.75 10.98
N TYR A 488 -12.69 9.56 12.03
CA TYR A 488 -12.15 9.15 13.34
C TYR A 488 -12.94 9.77 14.45
N ALA A 489 -12.78 9.17 15.62
CA ALA A 489 -13.31 9.73 16.86
C ALA A 489 -12.36 9.36 17.98
N THR A 490 -12.32 10.19 19.02
CA THR A 490 -11.45 9.96 20.16
C THR A 490 -11.97 10.72 21.38
N GLY A 491 -11.66 10.18 22.55
CA GLY A 491 -11.89 10.88 23.78
C GLY A 491 -10.64 11.43 24.41
N ASN A 492 -9.51 11.43 23.69
CA ASN A 492 -8.31 12.13 24.16
C ASN A 492 -7.89 11.75 25.61
N GLY A 493 -7.72 10.45 25.81
CA GLY A 493 -7.28 9.89 27.10
C GLY A 493 -8.39 9.26 27.91
N LYS A 494 -9.65 9.50 27.52
CA LYS A 494 -10.80 8.79 28.07
C LYS A 494 -11.64 8.21 26.93
N VAL A 495 -12.51 7.25 27.24
CA VAL A 495 -13.46 6.76 26.23
C VAL A 495 -14.40 7.93 25.89
N CYS A 496 -14.77 8.00 24.61
CA CYS A 496 -15.59 9.08 24.11
C CYS A 496 -17.04 8.70 24.39
N THR A 497 -17.73 9.45 25.23
CA THR A 497 -19.11 9.09 25.61
C THR A 497 -20.14 9.40 24.54
N ALA A 498 -19.86 10.35 23.66
CA ALA A 498 -20.76 10.67 22.57
C ALA A 498 -20.43 9.77 21.37
N PRO A 499 -21.45 9.13 20.79
CA PRO A 499 -21.21 8.41 19.54
C PRO A 499 -21.03 9.41 18.40
N ALA A 500 -20.25 9.00 17.39
CA ALA A 500 -20.10 9.78 16.16
C ALA A 500 -20.78 9.06 15.03
N PHE A 501 -21.65 9.75 14.31
CA PHE A 501 -22.37 9.16 13.19
C PHE A 501 -22.00 9.84 11.90
N PHE A 502 -21.45 9.06 10.95
CA PHE A 502 -21.12 9.57 9.63
C PHE A 502 -22.12 9.03 8.63
N ASP A 503 -22.77 9.94 7.90
CA ASP A 503 -23.84 9.54 6.98
C ASP A 503 -23.29 9.03 5.68
N TRP A 504 -22.17 9.59 5.24
CA TRP A 504 -21.63 9.26 3.94
C TRP A 504 -20.22 9.78 3.88
N PHE A 505 -19.51 9.33 2.86
CA PHE A 505 -18.18 9.78 2.53
C PHE A 505 -18.07 9.92 1.00
N LYS A 506 -17.51 11.04 0.53
CA LYS A 506 -17.31 11.23 -0.91
C LYS A 506 -15.86 11.51 -1.19
N TYR A 507 -15.36 10.87 -2.25
CA TYR A 507 -13.99 11.11 -2.76
C TYR A 507 -14.16 11.43 -4.22
N ILE A 508 -13.88 12.70 -4.58
CA ILE A 508 -14.13 13.21 -5.93
C ILE A 508 -12.80 13.69 -6.52
N PRO A 509 -12.15 12.85 -7.31
CA PRO A 509 -10.90 13.29 -7.93
C PRO A 509 -11.13 14.28 -9.06
N GLU A 510 -10.17 15.15 -9.32
CA GLU A 510 -10.32 16.11 -10.42
C GLU A 510 -10.45 15.35 -11.74
CA CA B . -26.06 7.31 4.62
C1 GOL C . 10.43 -2.52 1.82
O1 GOL C . 11.20 -2.30 0.65
C2 GOL C . 9.01 -2.92 1.52
O2 GOL C . 8.29 -1.92 0.72
C3 GOL C . 9.12 -4.25 0.71
O3 GOL C . 9.41 -5.42 1.46
C1 GOL D . 14.38 -1.19 1.74
C1 GOL D . 14.28 -1.80 2.62
O1 GOL D . 13.59 -1.29 0.54
O1 GOL D . 13.58 -2.79 1.88
C2 GOL D . 14.50 0.28 2.14
C2 GOL D . 14.97 -0.87 1.64
O2 GOL D . 15.12 1.00 1.07
O2 GOL D . 14.28 -0.82 0.36
C3 GOL D . 15.30 0.47 3.43
C3 GOL D . 14.98 0.50 2.27
O3 GOL D . 14.62 -0.25 4.46
O3 GOL D . 15.76 1.33 1.44
C1 GOL E . 14.08 1.41 7.10
O1 GOL E . 15.41 1.33 6.59
C2 GOL E . 14.02 1.54 8.63
O2 GOL E . 15.00 2.48 9.11
C3 GOL E . 12.60 1.94 9.09
O3 GOL E . 12.50 3.26 9.67
C1 GOL F . 1.68 16.68 -9.55
O1 GOL F . 0.86 17.72 -10.09
C2 GOL F . 2.88 16.49 -10.46
O2 GOL F . 2.42 16.30 -11.81
C3 GOL F . 3.71 15.29 -9.96
O3 GOL F . 4.01 14.30 -10.95
C1 GOL G . 10.25 -16.07 -24.74
O1 GOL G . 8.99 -15.53 -25.15
C2 GOL G . 11.28 -14.95 -24.82
O2 GOL G . 11.44 -14.52 -26.18
C3 GOL G . 12.61 -15.43 -24.23
O3 GOL G . 13.75 -15.18 -25.04
#